data_8C7S
#
_entry.id   8C7S
#
_cell.length_a   104.112
_cell.length_b   104.112
_cell.length_c   257.226
_cell.angle_alpha   90.00
_cell.angle_beta   90.00
_cell.angle_gamma   120.00
#
_symmetry.space_group_name_H-M   'P 61 2 2'
#
loop_
_entity.id
_entity.type
_entity.pdbx_description
1 polymer 'DNA (30-MER)'
2 polymer 'DNA (30-MER)'
3 polymer 'Global transcriptional regulator CodY (Fragment)'
4 non-polymer "GUANOSINE-5'-TRIPHOSPHATE"
5 non-polymer ISOLEUCINE
6 non-polymer 'SULFATE ION'
7 water water
#
loop_
_entity_poly.entity_id
_entity_poly.type
_entity_poly.pdbx_seq_one_letter_code
_entity_poly.pdbx_strand_id
1 'polydeoxyribonucleotide'
;(DC)(DT)(DA)(DA)(DA)(DT)(DT)(DT)(DT)(DC)(DT)(DG)(DA)(DA)(DA)(DA)(DT)(DT)(DC)(DT)
(DG)(DA)(DA)(DA)(DA)(DT)(DT)(DA)(DT)(DC)
;
M
2 'polydeoxyribonucleotide'
;(DG)(DA)(DT)(DA)(DA)(DT)(DT)(DT)(DT)(DC)(DA)(DG)(DA)(DA)(DT)(DT)(DT)(DT)(DC)(DA)
(DG)(DA)(DA)(DA)(DA)(DT)(DT)(DT)(DA)(DG)
;
N
3 'polypeptide(L)'
;MSLLSKTRELNTLLQKHKGIAVDFKDVAQTISSVTVTNVFIVSRRGKILGSSLNELLKSQRIIQMLEERHIPSEYTERLM
EVKQTESNIDIDNVLTVFPPENRELFIDSRTTIFPILGGGERLGTLVLGRVHDDFNENDLVLGEYAATVIGMEILREKHS
EVEKEARDKAAITMAINSLSYSEKEAIEHIFEELGGTEGLLIASKVADRVGITRSVIVNALRKLESAGVIESRSLGMKGT
FIKVKKEKFLDELEKS
;
A,B
#
loop_
_chem_comp.id
_chem_comp.type
_chem_comp.name
_chem_comp.formula
DA DNA linking 2'-DEOXYADENOSINE-5'-MONOPHOSPHATE 'C10 H14 N5 O6 P'
DC DNA linking 2'-DEOXYCYTIDINE-5'-MONOPHOSPHATE 'C9 H14 N3 O7 P'
DG DNA linking 2'-DEOXYGUANOSINE-5'-MONOPHOSPHATE 'C10 H14 N5 O7 P'
DT DNA linking THYMIDINE-5'-MONOPHOSPHATE 'C10 H15 N2 O8 P'
GTP non-polymer GUANOSINE-5'-TRIPHOSPHATE 'C10 H16 N5 O14 P3'
SO4 non-polymer 'SULFATE ION' 'O4 S -2'
#
# COMPACT_ATOMS: atom_id res chain seq x y z
N MET C 1 -17.86 -21.53 21.17
CA MET C 1 -17.18 -21.15 19.89
C MET C 1 -15.67 -21.35 20.03
N SER C 2 -15.11 -22.22 19.20
CA SER C 2 -13.70 -22.55 19.28
C SER C 2 -12.84 -21.42 18.70
N LEU C 3 -11.55 -21.46 19.03
CA LEU C 3 -10.62 -20.45 18.51
C LEU C 3 -10.57 -20.48 16.99
N LEU C 4 -10.59 -21.67 16.39
CA LEU C 4 -10.52 -21.75 14.94
C LEU C 4 -11.74 -21.12 14.29
N SER C 5 -12.87 -21.07 15.01
CA SER C 5 -14.06 -20.40 14.48
C SER C 5 -13.90 -18.88 14.56
N LYS C 6 -13.45 -18.38 15.70
CA LYS C 6 -13.21 -16.95 15.83
C LYS C 6 -12.16 -16.47 14.85
N THR C 7 -11.10 -17.26 14.67
CA THR C 7 -10.03 -16.88 13.74
C THR C 7 -10.56 -16.77 12.32
N ARG C 8 -11.32 -17.78 11.87
CA ARG C 8 -11.85 -17.76 10.52
C ARG C 8 -12.73 -16.54 10.28
N GLU C 9 -13.41 -16.05 11.32
CA GLU C 9 -14.28 -14.89 11.15
C GLU C 9 -13.48 -13.63 10.89
N LEU C 10 -12.39 -13.43 11.65
CA LEU C 10 -11.57 -12.24 11.46
C LEU C 10 -10.90 -12.24 10.09
N ASN C 11 -10.28 -13.37 9.71
CA ASN C 11 -9.61 -13.43 8.42
C ASN C 11 -10.55 -13.16 7.27
N THR C 12 -11.84 -13.44 7.44
CA THR C 12 -12.80 -13.22 6.36
C THR C 12 -12.96 -11.74 6.06
N LEU C 13 -12.93 -10.90 7.11
CA LEU C 13 -13.02 -9.46 6.89
C LEU C 13 -11.85 -8.97 6.06
N LEU C 14 -10.66 -9.51 6.28
CA LEU C 14 -9.47 -8.99 5.62
C LEU C 14 -9.36 -9.49 4.18
N GLN C 15 -9.77 -10.74 3.93
CA GLN C 15 -9.60 -11.33 2.61
C GLN C 15 -10.59 -10.83 1.58
N LYS C 16 -11.72 -10.25 2.02
CA LYS C 16 -12.77 -9.85 1.10
C LYS C 16 -13.02 -8.35 1.08
N HIS C 17 -12.27 -7.56 1.85
CA HIS C 17 -12.43 -6.12 1.80
C HIS C 17 -12.09 -5.61 0.40
N LYS C 18 -12.91 -4.69 -0.10
CA LYS C 18 -12.70 -4.13 -1.43
C LYS C 18 -11.60 -3.09 -1.41
N GLY C 19 -10.90 -2.98 -2.54
CA GLY C 19 -9.78 -2.06 -2.65
C GLY C 19 -8.52 -2.60 -1.99
N ILE C 20 -7.82 -1.75 -1.27
CA ILE C 20 -6.60 -2.15 -0.56
C ILE C 20 -6.67 -1.65 0.87
N ALA C 21 -7.29 -0.48 1.08
CA ALA C 21 -7.35 0.14 2.39
C ALA C 21 -8.37 -0.60 3.27
N VAL C 22 -7.93 -1.08 4.42
CA VAL C 22 -8.80 -1.72 5.39
C VAL C 22 -9.25 -0.68 6.40
N ASP C 23 -10.56 -0.56 6.60
CA ASP C 23 -11.11 0.43 7.51
C ASP C 23 -11.02 -0.09 8.94
N PHE C 24 -10.35 0.66 9.81
CA PHE C 24 -10.12 0.19 11.17
C PHE C 24 -11.41 0.14 11.98
N LYS C 25 -12.40 0.95 11.62
CA LYS C 25 -13.68 0.87 12.32
C LYS C 25 -14.35 -0.48 12.07
N ASP C 26 -14.12 -1.08 10.90
CA ASP C 26 -14.61 -2.43 10.65
C ASP C 26 -13.84 -3.45 11.47
N VAL C 27 -12.51 -3.34 11.51
CA VAL C 27 -11.71 -4.27 12.29
C VAL C 27 -12.11 -4.21 13.77
N ALA C 28 -12.27 -2.99 14.30
CA ALA C 28 -12.55 -2.84 15.72
C ALA C 28 -13.80 -3.61 16.14
N GLN C 29 -14.91 -3.41 15.43
CA GLN C 29 -16.14 -4.10 15.80
C GLN C 29 -16.06 -5.59 15.49
N THR C 30 -15.30 -5.97 14.47
CA THR C 30 -15.05 -7.38 14.22
C THR C 30 -14.26 -8.00 15.38
N ILE C 31 -13.21 -7.32 15.82
CA ILE C 31 -12.50 -7.75 17.02
C ILE C 31 -13.45 -7.81 18.21
N SER C 32 -14.40 -6.87 18.27
CA SER C 32 -15.32 -6.83 19.41
C SER C 32 -16.30 -7.99 19.37
N SER C 33 -16.79 -8.35 18.19
CA SER C 33 -17.79 -9.40 18.10
C SER C 33 -17.21 -10.75 18.52
N VAL C 34 -16.03 -11.10 18.00
CA VAL C 34 -15.49 -12.43 18.21
C VAL C 34 -14.96 -12.63 19.62
N THR C 35 -14.60 -11.56 20.31
CA THR C 35 -14.09 -11.64 21.67
C THR C 35 -15.01 -11.01 22.71
N VAL C 36 -16.12 -10.41 22.28
CA VAL C 36 -17.07 -9.80 23.21
C VAL C 36 -16.33 -8.77 24.06
N THR C 37 -15.77 -7.76 23.41
CA THR C 37 -14.97 -6.74 24.09
C THR C 37 -15.32 -5.37 23.52
N ASN C 38 -14.86 -4.35 24.27
CA ASN C 38 -14.92 -2.96 23.77
C ASN C 38 -13.54 -2.79 23.13
N VAL C 39 -13.45 -2.27 21.92
CA VAL C 39 -12.22 -2.22 21.15
C VAL C 39 -11.82 -0.78 20.88
N PHE C 40 -10.54 -0.49 21.06
CA PHE C 40 -9.94 0.80 20.71
C PHE C 40 -8.71 0.53 19.85
N ILE C 41 -8.58 1.25 18.74
CA ILE C 41 -7.41 1.19 17.88
C ILE C 41 -6.87 2.61 17.82
N VAL C 42 -5.77 2.87 18.53
CA VAL C 42 -5.23 4.22 18.68
C VAL C 42 -3.78 4.23 18.22
N SER C 43 -3.31 5.43 17.87
CA SER C 43 -1.98 5.62 17.34
C SER C 43 -1.01 5.94 18.48
N ARG C 44 0.21 6.37 18.13
CA ARG C 44 1.16 6.78 19.16
C ARG C 44 0.66 8.00 19.94
N ARG C 45 0.12 8.98 19.22
CA ARG C 45 -0.36 10.22 19.83
C ARG C 45 -1.78 10.10 20.37
N GLY C 46 -2.36 8.91 20.36
CA GLY C 46 -3.65 8.70 20.99
C GLY C 46 -4.85 9.02 20.12
N LYS C 47 -4.68 9.14 18.81
CA LYS C 47 -5.82 9.40 17.94
C LYS C 47 -6.58 8.10 17.69
N ILE C 48 -7.88 8.11 17.95
CA ILE C 48 -8.72 6.94 17.79
C ILE C 48 -8.93 6.67 16.32
N LEU C 49 -8.10 5.79 15.75
CA LEU C 49 -8.26 5.42 14.34
C LEU C 49 -9.52 4.59 14.13
N GLY C 50 -9.96 3.85 15.14
CA GLY C 50 -11.15 3.04 15.05
C GLY C 50 -11.58 2.53 16.40
N SER C 51 -12.89 2.38 16.60
CA SER C 51 -13.41 1.94 17.88
C SER C 51 -14.76 1.29 17.68
N SER C 52 -15.09 0.37 18.58
CA SER C 52 -16.40 -0.28 18.58
C SER C 52 -16.73 -0.59 20.03
N LEU C 53 -17.58 0.22 20.65
CA LEU C 53 -17.85 0.05 22.11
C LEU C 53 -19.34 -0.22 22.34
N ASN C 54 -19.71 -0.48 23.59
CA ASN C 54 -21.13 -0.72 23.95
C ASN C 54 -21.36 -0.19 25.37
N GLU C 55 -20.82 -0.88 26.38
CA GLU C 55 -20.99 -0.47 27.79
C GLU C 55 -20.25 0.85 28.04
N LEU C 56 -19.07 1.01 27.45
CA LEU C 56 -18.26 2.24 27.70
C LEU C 56 -19.02 3.46 27.23
N LEU C 57 -19.96 3.28 26.29
CA LEU C 57 -20.69 4.44 25.72
C LEU C 57 -21.65 5.02 26.76
N LYS C 58 -21.77 4.36 27.92
CA LYS C 58 -22.64 4.88 29.01
C LYS C 58 -21.82 5.77 29.93
N SER C 59 -20.64 6.21 29.49
CA SER C 59 -19.81 7.11 30.27
C SER C 59 -19.62 8.41 29.51
N GLN C 60 -19.72 9.53 30.23
CA GLN C 60 -19.61 10.84 29.60
C GLN C 60 -18.25 11.01 28.91
N ARG C 61 -17.18 10.69 29.62
CA ARG C 61 -15.84 10.92 29.09
C ARG C 61 -15.64 10.17 27.78
N ILE C 62 -16.05 8.90 27.74
CA ILE C 62 -15.85 8.10 26.53
C ILE C 62 -16.46 8.79 25.32
N ILE C 63 -17.63 9.42 25.50
CA ILE C 63 -18.30 10.06 24.38
C ILE C 63 -17.48 11.23 23.86
N GLN C 64 -16.99 12.08 24.76
CA GLN C 64 -16.21 13.24 24.34
C GLN C 64 -14.88 12.81 23.72
N MET C 65 -14.32 11.69 24.18
CA MET C 65 -13.15 11.13 23.52
C MET C 65 -13.46 10.83 22.06
N LEU C 66 -14.54 10.09 21.82
CA LEU C 66 -14.95 9.81 20.43
C LEU C 66 -15.17 11.10 19.66
N GLU C 67 -15.73 12.12 20.30
CA GLU C 67 -15.90 13.41 19.65
C GLU C 67 -14.56 14.03 19.29
N GLU C 68 -13.61 14.00 20.22
CA GLU C 68 -12.28 14.55 19.97
C GLU C 68 -11.43 13.63 19.09
N ARG C 69 -11.89 12.41 18.80
CA ARG C 69 -11.09 11.44 18.05
C ARG C 69 -9.72 11.24 18.71
N HIS C 70 -9.65 11.44 20.02
CA HIS C 70 -8.41 11.29 20.77
C HIS C 70 -8.73 10.71 22.14
N ILE C 71 -7.70 10.15 22.77
CA ILE C 71 -7.82 9.62 24.13
C ILE C 71 -7.03 10.53 25.05
N PRO C 72 -7.20 10.44 26.37
CA PRO C 72 -6.52 11.39 27.27
C PRO C 72 -5.01 11.39 27.05
N SER C 73 -4.40 12.54 27.32
CA SER C 73 -2.95 12.66 27.19
C SER C 73 -2.24 11.75 28.20
N GLU C 74 -2.71 11.77 29.46
CA GLU C 74 -2.09 10.94 30.49
C GLU C 74 -2.14 9.46 30.11
N TYR C 75 -3.26 9.02 29.55
CA TYR C 75 -3.42 7.60 29.24
C TYR C 75 -2.56 7.20 28.04
N THR C 76 -2.43 8.08 27.05
CA THR C 76 -1.62 7.76 25.88
C THR C 76 -0.17 7.50 26.29
N GLU C 77 0.35 8.26 27.25
CA GLU C 77 1.72 8.05 27.71
C GLU C 77 1.88 6.65 28.31
N ARG C 78 0.98 6.28 29.22
CA ARG C 78 1.11 5.00 29.91
C ARG C 78 0.96 3.82 28.96
N LEU C 79 0.32 4.00 27.81
CA LEU C 79 0.26 2.93 26.81
C LEU C 79 1.61 2.74 26.13
N MET C 80 2.36 3.82 25.93
CA MET C 80 3.68 3.69 25.33
C MET C 80 4.62 2.88 26.23
N GLU C 81 4.48 3.05 27.54
CA GLU C 81 5.33 2.32 28.48
C GLU C 81 5.01 0.83 28.51
N VAL C 82 3.90 0.40 27.92
CA VAL C 82 3.57 -1.02 27.83
C VAL C 82 4.30 -1.61 26.64
N LYS C 83 5.49 -2.14 26.89
CA LYS C 83 6.34 -2.67 25.83
C LYS C 83 5.98 -4.09 25.43
N GLN C 84 5.02 -4.72 26.11
CA GLN C 84 4.60 -6.07 25.77
C GLN C 84 3.12 -6.22 26.09
N THR C 85 2.55 -7.31 25.58
CA THR C 85 1.15 -7.62 25.89
C THR C 85 0.97 -7.73 27.39
N GLU C 86 -0.13 -7.15 27.89
CA GLU C 86 -0.46 -7.21 29.30
C GLU C 86 -1.96 -7.40 29.42
N SER C 87 -2.38 -8.52 30.01
CA SER C 87 -3.77 -8.94 30.01
C SER C 87 -4.31 -9.01 31.43
N ASN C 88 -5.64 -8.98 31.53
CA ASN C 88 -6.37 -9.06 32.80
C ASN C 88 -5.87 -7.98 33.77
N ILE C 89 -6.06 -6.74 33.36
CA ILE C 89 -5.74 -5.58 34.19
C ILE C 89 -7.00 -5.17 34.94
N ASP C 90 -6.87 -4.94 36.25
CA ASP C 90 -8.03 -4.67 37.08
C ASP C 90 -8.47 -3.21 36.93
N ILE C 91 -9.60 -2.90 37.58
CA ILE C 91 -10.19 -1.56 37.47
C ILE C 91 -9.34 -0.53 38.21
N ASP C 92 -8.56 -0.96 39.21
CA ASP C 92 -7.80 -0.03 40.04
C ASP C 92 -6.39 0.21 39.49
N ASN C 93 -6.08 -0.30 38.30
CA ASN C 93 -4.78 -0.07 37.67
C ASN C 93 -4.89 1.03 36.63
N VAL C 94 -3.88 1.88 36.58
CA VAL C 94 -3.91 3.04 35.68
C VAL C 94 -4.12 2.60 34.23
N LEU C 95 -3.71 1.40 33.88
CA LEU C 95 -3.81 0.90 32.51
C LEU C 95 -5.22 0.45 32.14
N THR C 96 -6.20 0.69 33.00
CA THR C 96 -7.56 0.22 32.73
C THR C 96 -8.24 1.13 31.72
N VAL C 97 -8.94 0.51 30.76
CA VAL C 97 -9.65 1.26 29.73
C VAL C 97 -11.04 1.69 30.17
N PHE C 98 -11.43 1.43 31.42
CA PHE C 98 -12.76 1.73 31.90
C PHE C 98 -12.76 2.92 32.86
N PRO C 99 -13.69 3.85 32.73
CA PRO C 99 -13.74 4.99 33.66
C PRO C 99 -13.92 4.53 35.09
N PRO C 100 -12.99 4.83 35.99
CA PRO C 100 -13.15 4.40 37.39
C PRO C 100 -14.39 4.95 38.05
N GLU C 101 -14.86 6.13 37.63
CA GLU C 101 -16.03 6.73 38.29
C GLU C 101 -17.24 5.82 38.19
N ASN C 102 -17.42 5.14 37.06
CA ASN C 102 -18.52 4.19 36.88
C ASN C 102 -18.19 2.83 37.46
N ARG C 103 -17.67 2.82 38.69
CA ARG C 103 -17.19 1.57 39.27
C ARG C 103 -18.31 0.56 39.45
N GLU C 104 -19.53 1.02 39.73
CA GLU C 104 -20.63 0.09 39.96
C GLU C 104 -20.84 -0.84 38.77
N LEU C 105 -20.56 -0.36 37.56
CA LEU C 105 -20.74 -1.15 36.35
C LEU C 105 -19.45 -1.80 35.86
N PHE C 106 -18.29 -1.44 36.42
CA PHE C 106 -17.00 -1.87 35.89
C PHE C 106 -16.08 -2.35 37.02
N ILE C 107 -16.64 -2.88 38.09
CA ILE C 107 -15.81 -3.30 39.23
C ILE C 107 -15.07 -4.60 38.91
N ASP C 108 -15.72 -5.51 38.18
CA ASP C 108 -15.11 -6.76 37.75
C ASP C 108 -14.57 -6.67 36.33
N SER C 109 -14.18 -5.47 35.90
CA SER C 109 -13.77 -5.27 34.52
C SER C 109 -12.32 -5.70 34.32
N ARG C 110 -12.07 -6.39 33.21
CA ARG C 110 -10.74 -6.83 32.81
C ARG C 110 -10.40 -6.20 31.46
N THR C 111 -9.15 -5.76 31.31
CA THR C 111 -8.72 -5.07 30.11
C THR C 111 -7.30 -5.49 29.75
N THR C 112 -7.12 -5.87 28.48
CA THR C 112 -5.84 -6.32 27.96
C THR C 112 -5.32 -5.32 26.94
N ILE C 113 -4.01 -5.09 26.95
CA ILE C 113 -3.35 -4.15 26.05
C ILE C 113 -2.48 -4.92 25.08
N PHE C 114 -2.64 -4.64 23.78
CA PHE C 114 -1.85 -5.27 22.73
C PHE C 114 -1.08 -4.21 21.97
N PRO C 115 0.24 -4.09 22.17
CA PRO C 115 1.01 -3.12 21.38
C PRO C 115 1.01 -3.49 19.91
N ILE C 116 0.79 -2.48 19.06
CA ILE C 116 0.74 -2.66 17.62
C ILE C 116 2.11 -2.33 17.06
N LEU C 117 2.77 -3.34 16.48
CA LEU C 117 4.14 -3.22 15.99
C LEU C 117 4.18 -3.45 14.49
N GLY C 118 5.01 -2.66 13.80
CA GLY C 118 5.21 -2.80 12.39
C GLY C 118 6.56 -2.29 11.95
N GLY C 119 7.31 -3.10 11.21
CA GLY C 119 8.64 -2.70 10.81
C GLY C 119 9.59 -2.47 11.96
N GLY C 120 9.28 -3.02 13.14
CA GLY C 120 10.16 -2.92 14.29
C GLY C 120 9.95 -1.72 15.18
N GLU C 121 8.96 -0.87 14.88
CA GLU C 121 8.69 0.33 15.65
C GLU C 121 7.25 0.30 16.16
N ARG C 122 7.02 1.05 17.23
CA ARG C 122 5.69 1.15 17.83
C ARG C 122 4.83 2.09 16.99
N LEU C 123 3.74 1.57 16.43
CA LEU C 123 2.83 2.36 15.62
C LEU C 123 1.57 2.77 16.36
N GLY C 124 1.08 1.95 17.27
CA GLY C 124 -0.11 2.28 18.02
C GLY C 124 -0.37 1.24 19.08
N THR C 125 -1.63 1.14 19.50
CA THR C 125 -2.02 0.19 20.54
C THR C 125 -3.44 -0.30 20.27
N LEU C 126 -3.64 -1.60 20.45
CA LEU C 126 -4.96 -2.22 20.40
C LEU C 126 -5.38 -2.57 21.82
N VAL C 127 -6.46 -1.95 22.29
CA VAL C 127 -6.93 -2.13 23.66
C VAL C 127 -8.30 -2.80 23.61
N LEU C 128 -8.48 -3.83 24.43
CA LEU C 128 -9.73 -4.56 24.56
C LEU C 128 -10.24 -4.47 25.99
N GLY C 129 -11.56 -4.45 26.12
CA GLY C 129 -12.19 -4.31 27.43
C GLY C 129 -13.36 -5.24 27.66
N ARG C 130 -13.44 -5.82 28.85
CA ARG C 130 -14.52 -6.70 29.23
C ARG C 130 -15.05 -6.31 30.60
N VAL C 131 -16.33 -6.59 30.83
CA VAL C 131 -16.98 -6.23 32.08
C VAL C 131 -16.79 -7.30 33.14
N HIS C 132 -16.81 -8.58 32.75
CA HIS C 132 -16.71 -9.67 33.71
C HIS C 132 -15.68 -10.71 33.27
N ASP C 133 -15.95 -11.37 32.15
CA ASP C 133 -15.11 -12.50 31.73
C ASP C 133 -13.66 -12.08 31.58
N ASP C 134 -12.76 -12.90 32.12
CA ASP C 134 -11.34 -12.65 31.97
C ASP C 134 -10.87 -13.05 30.58
N PHE C 135 -9.60 -12.74 30.29
CA PHE C 135 -8.98 -13.02 29.00
C PHE C 135 -8.18 -14.32 29.11
N ASN C 136 -8.50 -15.28 28.26
CA ASN C 136 -7.75 -16.53 28.19
C ASN C 136 -6.61 -16.38 27.17
N GLU C 137 -5.89 -17.48 26.94
CA GLU C 137 -4.82 -17.45 25.95
C GLU C 137 -5.36 -17.50 24.53
N ASN C 138 -6.51 -18.17 24.32
CA ASN C 138 -7.14 -18.14 23.01
C ASN C 138 -7.58 -16.73 22.62
N ASP C 139 -7.71 -15.83 23.59
CA ASP C 139 -8.02 -14.44 23.28
C ASP C 139 -6.75 -13.67 22.93
N LEU C 140 -5.65 -13.92 23.66
CA LEU C 140 -4.39 -13.27 23.33
C LEU C 140 -3.92 -13.65 21.93
N VAL C 141 -4.32 -14.82 21.43
CA VAL C 141 -3.93 -15.21 20.08
C VAL C 141 -4.60 -14.32 19.04
N LEU C 142 -5.86 -13.97 19.26
CA LEU C 142 -6.55 -13.09 18.32
C LEU C 142 -6.05 -11.65 18.46
N GLY C 143 -6.00 -11.13 19.68
CA GLY C 143 -5.56 -9.76 19.88
C GLY C 143 -4.16 -9.51 19.36
N GLU C 144 -3.27 -10.49 19.53
CA GLU C 144 -1.92 -10.33 19.03
C GLU C 144 -1.87 -10.44 17.51
N TYR C 145 -2.72 -11.31 16.94
CA TYR C 145 -2.77 -11.43 15.49
C TYR C 145 -3.47 -10.24 14.85
N ALA C 146 -4.43 -9.63 15.55
CA ALA C 146 -5.08 -8.44 15.02
C ALA C 146 -4.15 -7.24 15.08
N ALA C 147 -3.44 -7.06 16.20
CA ALA C 147 -2.46 -5.99 16.28
C ALA C 147 -1.39 -6.13 15.19
N THR C 148 -1.07 -7.37 14.80
CA THR C 148 -0.08 -7.57 13.75
C THR C 148 -0.58 -7.02 12.42
N VAL C 149 -1.77 -7.45 11.99
CA VAL C 149 -2.30 -7.00 10.70
C VAL C 149 -2.57 -5.51 10.74
N ILE C 150 -3.05 -4.99 11.87
CA ILE C 150 -3.25 -3.56 12.00
C ILE C 150 -1.92 -2.83 11.79
N GLY C 151 -0.84 -3.35 12.36
CA GLY C 151 0.47 -2.78 12.10
C GLY C 151 0.88 -2.90 10.65
N MET C 152 0.44 -3.97 9.98
CA MET C 152 0.78 -4.14 8.56
C MET C 152 0.09 -3.07 7.71
N GLU C 153 -1.18 -2.79 7.99
CA GLU C 153 -1.89 -1.79 7.18
C GLU C 153 -1.40 -0.39 7.47
N ILE C 154 -0.93 -0.12 8.69
CA ILE C 154 -0.33 1.18 8.99
C ILE C 154 1.04 1.29 8.35
N LEU C 155 1.85 0.23 8.48
CA LEU C 155 3.14 0.22 7.81
C LEU C 155 2.99 0.52 6.32
N ARG C 156 1.97 -0.07 5.69
CA ARG C 156 1.74 0.13 4.26
C ARG C 156 1.31 1.57 3.98
N GLU C 157 0.36 2.09 4.75
CA GLU C 157 -0.14 3.43 4.51
C GLU C 157 0.95 4.47 4.67
N LYS C 158 1.72 4.38 5.76
CA LYS C 158 2.81 5.34 5.96
C LYS C 158 3.82 5.29 4.82
N HIS C 159 4.00 4.12 4.20
CA HIS C 159 4.93 4.01 3.08
C HIS C 159 4.36 4.68 1.84
N SER C 160 3.09 4.38 1.52
CA SER C 160 2.47 5.03 0.37
C SER C 160 2.41 6.54 0.54
N GLU C 161 2.18 7.01 1.77
CA GLU C 161 2.18 8.44 2.03
C GLU C 161 3.54 9.05 1.68
N VAL C 162 4.63 8.41 2.12
CA VAL C 162 5.95 8.97 1.87
C VAL C 162 6.27 8.94 0.38
N GLU C 163 5.91 7.86 -0.31
CA GLU C 163 6.13 7.81 -1.75
C GLU C 163 5.39 8.93 -2.47
N LYS C 164 4.21 9.32 -1.97
CA LYS C 164 3.45 10.37 -2.63
C LYS C 164 4.09 11.74 -2.40
N GLU C 165 4.43 12.05 -1.16
CA GLU C 165 5.08 13.33 -0.88
C GLU C 165 6.38 13.47 -1.66
N ALA C 166 7.04 12.35 -1.96
CA ALA C 166 8.25 12.39 -2.77
C ALA C 166 7.94 12.61 -4.24
N ARG C 167 6.94 11.90 -4.77
CA ARG C 167 6.52 12.13 -6.15
C ARG C 167 6.03 13.56 -6.35
N ASP C 168 5.48 14.19 -5.30
CA ASP C 168 5.03 15.57 -5.42
C ASP C 168 6.22 16.52 -5.54
N LYS C 169 7.13 16.48 -4.56
CA LYS C 169 8.35 17.27 -4.64
C LYS C 169 8.96 17.18 -6.03
N ALA C 170 9.03 15.97 -6.59
CA ALA C 170 9.56 15.79 -7.93
C ALA C 170 8.72 16.54 -8.97
N ALA C 171 7.40 16.49 -8.82
CA ALA C 171 6.52 17.17 -9.78
C ALA C 171 6.72 18.68 -9.71
N ILE C 172 6.79 19.24 -8.51
CA ILE C 172 7.01 20.68 -8.36
C ILE C 172 8.34 21.08 -8.99
N THR C 173 9.42 20.48 -8.51
CA THR C 173 10.75 20.81 -9.03
C THR C 173 10.79 20.69 -10.55
N MET C 174 10.32 19.56 -11.07
CA MET C 174 10.34 19.33 -12.52
C MET C 174 9.57 20.42 -13.26
N ALA C 175 8.51 20.96 -12.64
CA ALA C 175 7.72 22.00 -13.28
C ALA C 175 8.37 23.37 -13.13
N ILE C 176 9.06 23.62 -12.01
CA ILE C 176 9.70 24.92 -11.81
C ILE C 176 10.88 25.07 -12.75
N ASN C 177 11.65 24.00 -12.97
CA ASN C 177 12.76 24.06 -13.91
C ASN C 177 12.30 24.32 -15.33
N SER C 178 11.05 24.00 -15.65
CA SER C 178 10.51 24.24 -16.98
C SER C 178 10.18 25.70 -17.24
N LEU C 179 10.13 26.53 -16.19
CA LEU C 179 9.73 27.91 -16.33
C LEU C 179 10.92 28.80 -16.68
N SER C 180 10.70 29.75 -17.58
CA SER C 180 11.69 30.77 -17.88
C SER C 180 11.72 31.77 -16.73
N TYR C 181 12.50 32.84 -16.89
CA TYR C 181 12.60 33.85 -15.84
C TYR C 181 11.31 34.65 -15.74
N SER C 182 10.85 35.22 -16.85
CA SER C 182 9.62 36.01 -16.82
C SER C 182 8.41 35.14 -16.46
N GLU C 183 8.38 33.91 -16.95
CA GLU C 183 7.30 32.99 -16.59
C GLU C 183 7.31 32.70 -15.09
N LYS C 184 8.50 32.47 -14.52
CA LYS C 184 8.59 32.18 -13.11
C LYS C 184 8.14 33.37 -12.26
N GLU C 185 8.25 34.59 -12.80
CA GLU C 185 7.84 35.77 -12.05
C GLU C 185 6.33 35.93 -12.06
N ALA C 186 5.68 35.69 -13.20
CA ALA C 186 4.23 35.81 -13.28
C ALA C 186 3.55 34.90 -12.26
N ILE C 187 3.95 33.62 -12.23
CA ILE C 187 3.31 32.67 -11.32
C ILE C 187 3.40 33.13 -9.88
N GLU C 188 4.55 33.69 -9.49
CA GLU C 188 4.70 34.21 -8.13
C GLU C 188 3.62 35.25 -7.83
N HIS C 189 3.34 36.13 -8.80
CA HIS C 189 2.33 37.17 -8.57
C HIS C 189 0.92 36.63 -8.76
N ILE C 190 0.70 35.80 -9.79
CA ILE C 190 -0.60 35.18 -9.99
C ILE C 190 -1.04 34.46 -8.72
N PHE C 191 -0.13 33.67 -8.15
CA PHE C 191 -0.47 32.90 -6.95
C PHE C 191 -0.53 33.78 -5.71
N GLU C 192 0.05 34.97 -5.75
CA GLU C 192 -0.10 35.91 -4.63
C GLU C 192 -1.53 36.45 -4.59
N GLU C 193 -2.04 36.92 -5.74
CA GLU C 193 -3.39 37.47 -5.77
C GLU C 193 -4.46 36.40 -5.62
N LEU C 194 -4.15 35.14 -5.92
CA LEU C 194 -5.14 34.07 -5.74
C LEU C 194 -5.49 33.90 -4.27
N GLY C 195 -4.48 33.95 -3.39
CA GLY C 195 -4.72 33.97 -1.96
C GLY C 195 -5.11 32.64 -1.36
N GLY C 196 -5.63 31.71 -2.17
CA GLY C 196 -6.07 30.42 -1.67
C GLY C 196 -5.70 29.27 -2.56
N THR C 197 -6.18 28.06 -2.22
CA THR C 197 -5.86 26.89 -3.01
C THR C 197 -6.42 27.01 -4.42
N GLU C 198 -7.63 27.58 -4.55
CA GLU C 198 -8.24 27.79 -5.86
C GLU C 198 -8.92 29.15 -5.85
N GLY C 199 -9.22 29.64 -7.05
CA GLY C 199 -9.89 30.93 -7.17
C GLY C 199 -10.03 31.34 -8.62
N LEU C 200 -10.61 32.52 -8.79
CA LEU C 200 -10.81 33.13 -10.10
C LEU C 200 -10.22 34.52 -10.08
N LEU C 201 -9.47 34.86 -11.13
CA LEU C 201 -8.87 36.18 -11.24
C LEU C 201 -8.71 36.51 -12.72
N ILE C 202 -8.40 37.78 -12.99
CA ILE C 202 -8.19 38.27 -14.34
C ILE C 202 -6.69 38.34 -14.57
N ALA C 203 -6.18 37.39 -15.37
CA ALA C 203 -4.74 37.31 -15.61
C ALA C 203 -4.22 38.56 -16.30
N SER C 204 -4.83 38.93 -17.42
CA SER C 204 -4.36 40.10 -18.17
C SER C 204 -4.32 41.35 -17.30
N LYS C 205 -5.23 41.46 -16.34
CA LYS C 205 -5.17 42.57 -15.38
C LYS C 205 -3.91 42.48 -14.55
N VAL C 206 -3.64 41.31 -13.97
CA VAL C 206 -2.43 41.11 -13.19
C VAL C 206 -1.18 41.25 -14.05
N ALA C 207 -1.30 41.05 -15.36
CA ALA C 207 -0.15 41.23 -16.25
C ALA C 207 0.24 42.69 -16.36
N ASP C 208 -0.75 43.58 -16.39
CA ASP C 208 -0.46 45.01 -16.53
C ASP C 208 0.03 45.63 -15.23
N ARG C 209 -0.47 45.16 -14.08
CA ARG C 209 -0.03 45.69 -12.79
C ARG C 209 1.47 45.54 -12.62
N VAL C 210 2.03 44.43 -13.11
CA VAL C 210 3.44 44.11 -12.91
C VAL C 210 4.29 44.50 -14.11
N GLY C 211 3.76 44.37 -15.32
CA GLY C 211 4.52 44.69 -16.51
C GLY C 211 5.10 43.47 -17.19
N ILE C 212 4.31 42.41 -17.27
CA ILE C 212 4.69 41.19 -17.98
C ILE C 212 3.71 40.94 -19.11
N THR C 213 4.21 40.40 -20.21
CA THR C 213 3.34 40.10 -21.33
C THR C 213 2.32 39.04 -20.94
N ARG C 214 1.09 39.20 -21.44
CA ARG C 214 0.03 38.27 -21.09
C ARG C 214 0.34 36.87 -21.60
N SER C 215 0.92 36.78 -22.80
CA SER C 215 1.31 35.48 -23.34
C SER C 215 2.16 34.70 -22.35
N VAL C 216 3.04 35.39 -21.64
CA VAL C 216 3.90 34.73 -20.65
C VAL C 216 3.04 33.99 -19.63
N ILE C 217 1.99 34.64 -19.12
CA ILE C 217 1.17 34.03 -18.09
C ILE C 217 0.47 32.78 -18.64
N VAL C 218 -0.06 32.87 -19.86
CA VAL C 218 -0.77 31.73 -20.43
C VAL C 218 0.15 30.53 -20.55
N ASN C 219 1.35 30.73 -21.09
CA ASN C 219 2.27 29.62 -21.29
C ASN C 219 2.70 29.02 -19.95
N ALA C 220 2.98 29.88 -18.97
CA ALA C 220 3.42 29.39 -17.66
C ALA C 220 2.35 28.51 -17.03
N LEU C 221 1.09 28.96 -17.04
CA LEU C 221 0.02 28.14 -16.50
C LEU C 221 -0.08 26.81 -17.23
N ARG C 222 0.04 26.84 -18.55
CA ARG C 222 -0.05 25.61 -19.34
C ARG C 222 1.11 24.66 -19.04
N LYS C 223 2.23 25.18 -18.53
CA LYS C 223 3.34 24.31 -18.14
C LYS C 223 3.12 23.68 -16.78
N LEU C 224 2.43 24.38 -15.87
CA LEU C 224 2.07 23.78 -14.59
C LEU C 224 0.99 22.73 -14.76
N GLU C 225 0.13 22.88 -15.76
CA GLU C 225 -0.86 21.85 -16.06
C GLU C 225 -0.19 20.57 -16.55
N SER C 226 0.90 20.70 -17.32
CA SER C 226 1.58 19.53 -17.84
C SER C 226 2.13 18.66 -16.71
N ALA C 227 2.55 19.26 -15.61
CA ALA C 227 3.10 18.54 -14.48
C ALA C 227 2.05 18.21 -13.43
N GLY C 228 0.77 18.47 -13.71
CA GLY C 228 -0.27 18.20 -12.73
C GLY C 228 -0.15 19.05 -11.48
N VAL C 229 0.46 20.23 -11.58
CA VAL C 229 0.60 21.08 -10.41
C VAL C 229 -0.66 21.92 -10.18
N ILE C 230 -1.37 22.26 -11.25
CA ILE C 230 -2.61 23.03 -11.14
C ILE C 230 -3.56 22.59 -12.25
N GLU C 231 -4.84 22.86 -12.03
CA GLU C 231 -5.85 22.80 -13.09
C GLU C 231 -6.24 24.22 -13.44
N SER C 232 -6.37 24.50 -14.74
CA SER C 232 -6.73 25.82 -15.22
C SER C 232 -7.95 25.72 -16.12
N ARG C 233 -8.77 26.76 -16.08
CA ARG C 233 -10.04 26.78 -16.80
C ARG C 233 -10.29 28.20 -17.29
N SER C 234 -10.52 28.34 -18.60
CA SER C 234 -10.78 29.65 -19.20
C SER C 234 -12.26 30.00 -19.09
N LEU C 235 -12.53 31.18 -18.55
CA LEU C 235 -13.90 31.72 -18.44
C LEU C 235 -14.06 32.97 -19.28
N GLY C 236 -13.24 33.12 -20.32
CA GLY C 236 -13.32 34.27 -21.21
C GLY C 236 -13.40 35.60 -20.49
N MET C 237 -14.46 36.36 -20.77
CA MET C 237 -14.61 37.70 -20.20
C MET C 237 -14.56 37.71 -18.68
N LYS C 238 -14.85 36.58 -18.04
CA LYS C 238 -14.92 36.55 -16.58
C LYS C 238 -13.56 36.34 -15.93
N GLY C 239 -12.57 35.85 -16.68
CA GLY C 239 -11.23 35.66 -16.15
C GLY C 239 -10.74 34.24 -16.29
N THR C 240 -9.74 33.88 -15.48
CA THR C 240 -9.16 32.54 -15.48
C THR C 240 -9.37 31.89 -14.13
N PHE C 241 -9.83 30.63 -14.14
CA PHE C 241 -9.98 29.86 -12.93
C PHE C 241 -8.75 28.97 -12.73
N ILE C 242 -8.27 28.91 -11.48
CA ILE C 242 -7.04 28.20 -11.16
C ILE C 242 -7.27 27.38 -9.90
N LYS C 243 -7.06 26.07 -10.00
CA LYS C 243 -7.10 25.16 -8.85
C LYS C 243 -5.72 24.55 -8.69
N VAL C 244 -5.14 24.67 -7.51
CA VAL C 244 -3.81 24.16 -7.22
C VAL C 244 -3.94 22.75 -6.69
N LYS C 245 -3.23 21.82 -7.32
CA LYS C 245 -3.24 20.41 -6.94
C LYS C 245 -2.06 20.02 -6.06
N LYS C 246 -1.17 20.96 -5.75
CA LYS C 246 0.02 20.68 -4.93
C LYS C 246 0.20 21.87 -3.98
N GLU C 247 -0.27 21.71 -2.74
CA GLU C 247 -0.14 22.77 -1.74
C GLU C 247 1.25 23.38 -1.74
N LYS C 248 2.27 22.55 -1.55
CA LYS C 248 3.62 23.03 -1.30
C LYS C 248 4.28 23.66 -2.52
N PHE C 249 3.60 23.76 -3.66
CA PHE C 249 4.23 24.33 -4.84
C PHE C 249 4.65 25.77 -4.61
N LEU C 250 3.71 26.63 -4.21
CA LEU C 250 4.03 28.04 -4.04
C LEU C 250 5.17 28.23 -3.05
N ASP C 251 5.10 27.55 -1.92
CA ASP C 251 6.19 27.64 -0.95
C ASP C 251 7.52 27.26 -1.57
N GLU C 252 7.57 26.12 -2.26
CA GLU C 252 8.81 25.67 -2.87
C GLU C 252 9.32 26.67 -3.91
N LEU C 253 8.40 27.28 -4.66
CA LEU C 253 8.80 28.24 -5.69
C LEU C 253 9.54 29.42 -5.08
N GLU C 254 9.03 29.95 -3.97
CA GLU C 254 9.66 31.11 -3.36
C GLU C 254 11.11 30.84 -2.95
N LYS C 255 11.43 29.58 -2.65
CA LYS C 255 12.79 29.23 -2.27
C LYS C 255 13.78 29.65 -3.36
N SER C 256 13.39 29.52 -4.62
CA SER C 256 14.25 29.88 -5.74
C SER C 256 14.20 31.38 -6.00
N MET D 1 5.94 -26.41 23.71
CA MET D 1 5.71 -25.03 23.20
C MET D 1 4.24 -24.86 22.80
N SER D 2 3.58 -23.91 23.44
CA SER D 2 2.14 -23.72 23.26
C SER D 2 1.85 -22.94 21.97
N LEU D 3 0.57 -22.95 21.59
CA LEU D 3 0.16 -22.23 20.39
C LEU D 3 0.48 -20.75 20.50
N LEU D 4 0.27 -20.17 21.68
CA LEU D 4 0.59 -18.76 21.87
C LEU D 4 2.04 -18.48 21.50
N SER D 5 2.95 -19.34 21.95
CA SER D 5 4.37 -19.16 21.63
C SER D 5 4.64 -19.36 20.15
N LYS D 6 3.90 -20.26 19.51
CA LYS D 6 4.05 -20.45 18.06
C LYS D 6 3.49 -19.25 17.30
N THR D 7 2.30 -18.78 17.67
CA THR D 7 1.77 -17.57 17.05
C THR D 7 2.65 -16.37 17.33
N ARG D 8 3.16 -16.26 18.56
CA ARG D 8 4.07 -15.16 18.88
C ARG D 8 5.33 -15.22 18.01
N GLU D 9 5.81 -16.43 17.73
CA GLU D 9 7.00 -16.56 16.89
C GLU D 9 6.73 -16.06 15.48
N LEU D 10 5.62 -16.47 14.89
CA LEU D 10 5.29 -16.04 13.53
C LEU D 10 5.03 -14.55 13.48
N ASN D 11 4.21 -14.03 14.40
CA ASN D 11 3.87 -12.61 14.38
C ASN D 11 5.08 -11.72 14.60
N THR D 12 6.19 -12.28 15.10
CA THR D 12 7.39 -11.46 15.30
C THR D 12 8.14 -11.24 14.00
N LEU D 13 8.14 -12.25 13.11
CA LEU D 13 8.79 -12.10 11.81
C LEU D 13 8.24 -10.89 11.06
N LEU D 14 6.94 -10.66 11.16
CA LEU D 14 6.30 -9.59 10.39
C LEU D 14 6.45 -8.24 11.07
N GLN D 15 6.37 -8.21 12.41
CA GLN D 15 6.42 -6.96 13.13
C GLN D 15 7.82 -6.33 13.15
N LYS D 16 8.84 -7.06 12.73
CA LYS D 16 10.21 -6.55 12.81
C LYS D 16 10.97 -6.61 11.48
N HIS D 17 10.36 -7.16 10.42
CA HIS D 17 10.99 -7.09 9.12
C HIS D 17 11.11 -5.63 8.69
N LYS D 18 12.33 -5.22 8.36
CA LYS D 18 12.55 -3.84 7.94
C LYS D 18 12.09 -3.65 6.50
N GLY D 19 11.63 -2.45 6.20
CA GLY D 19 11.01 -2.18 4.93
C GLY D 19 9.53 -2.49 4.98
N ILE D 20 8.95 -2.69 3.78
CA ILE D 20 7.53 -2.98 3.65
C ILE D 20 7.35 -4.39 3.10
N ALA D 21 8.27 -4.80 2.23
CA ALA D 21 8.17 -6.12 1.62
C ALA D 21 8.52 -7.20 2.64
N VAL D 22 7.84 -8.34 2.53
CA VAL D 22 8.07 -9.50 3.39
C VAL D 22 8.51 -10.66 2.50
N ASP D 23 9.70 -11.19 2.77
CA ASP D 23 10.23 -12.28 1.97
C ASP D 23 9.46 -13.57 2.27
N PHE D 24 8.82 -14.14 1.24
CA PHE D 24 8.03 -15.34 1.44
C PHE D 24 8.91 -16.54 1.79
N LYS D 25 10.16 -16.56 1.34
CA LYS D 25 11.07 -17.63 1.76
C LYS D 25 11.27 -17.60 3.26
N ASP D 26 11.52 -16.40 3.82
CA ASP D 26 11.57 -16.27 5.27
C ASP D 26 10.30 -16.79 5.92
N VAL D 27 9.14 -16.46 5.34
CA VAL D 27 7.88 -16.96 5.87
C VAL D 27 7.84 -18.48 5.81
N ALA D 28 8.21 -19.05 4.65
CA ALA D 28 8.22 -20.50 4.51
C ALA D 28 9.00 -21.16 5.65
N GLN D 29 10.17 -20.60 5.99
CA GLN D 29 10.97 -21.17 7.07
C GLN D 29 10.22 -21.13 8.38
N THR D 30 9.63 -19.98 8.72
CA THR D 30 8.92 -19.85 9.98
C THR D 30 7.73 -20.80 10.06
N ILE D 31 6.98 -20.94 8.97
CA ILE D 31 5.83 -21.84 8.97
C ILE D 31 6.29 -23.28 9.20
N SER D 32 7.47 -23.64 8.71
CA SER D 32 7.96 -25.00 8.90
C SER D 32 8.37 -25.23 10.35
N SER D 33 8.97 -24.23 10.99
CA SER D 33 9.47 -24.42 12.35
C SER D 33 8.34 -24.69 13.33
N VAL D 34 7.32 -23.82 13.34
CA VAL D 34 6.26 -23.94 14.34
C VAL D 34 5.30 -25.09 14.06
N THR D 35 5.39 -25.72 12.90
CA THR D 35 4.54 -26.86 12.58
C THR D 35 5.30 -28.09 12.11
N VAL D 36 6.59 -27.99 11.81
CA VAL D 36 7.39 -29.13 11.36
C VAL D 36 6.74 -29.72 10.12
N THR D 37 6.80 -28.99 9.01
CA THR D 37 6.18 -29.43 7.77
C THR D 37 6.99 -28.95 6.59
N ASN D 38 6.78 -29.59 5.45
CA ASN D 38 7.30 -29.10 4.18
C ASN D 38 6.35 -28.04 3.65
N VAL D 39 6.86 -26.85 3.38
CA VAL D 39 6.05 -25.69 3.05
C VAL D 39 6.19 -25.38 1.56
N PHE D 40 5.07 -25.05 0.92
CA PHE D 40 5.06 -24.62 -0.47
C PHE D 40 4.13 -23.42 -0.61
N ILE D 41 4.69 -22.28 -1.03
CA ILE D 41 3.83 -21.09 -1.30
C ILE D 41 3.81 -20.91 -2.82
N VAL D 42 2.74 -21.38 -3.47
CA VAL D 42 2.71 -21.35 -4.97
C VAL D 42 1.75 -20.25 -5.44
N SER D 43 1.93 -19.79 -6.69
CA SER D 43 1.04 -18.76 -7.27
C SER D 43 -0.23 -19.41 -7.82
N ARG D 44 -1.04 -18.65 -8.57
CA ARG D 44 -2.24 -19.25 -9.22
C ARG D 44 -1.75 -20.04 -10.43
N ARG D 45 -0.60 -19.65 -10.99
CA ARG D 45 -0.04 -20.38 -12.12
C ARG D 45 1.03 -21.38 -11.72
N GLY D 46 1.20 -21.61 -10.42
CA GLY D 46 2.14 -22.61 -9.94
C GLY D 46 3.53 -22.12 -9.63
N LYS D 47 3.83 -20.86 -9.93
CA LYS D 47 5.17 -20.34 -9.66
C LYS D 47 5.47 -20.42 -8.17
N ILE D 48 6.58 -21.07 -7.82
CA ILE D 48 6.96 -21.23 -6.42
C ILE D 48 7.51 -19.89 -5.91
N LEU D 49 6.80 -19.30 -4.95
CA LEU D 49 7.22 -18.06 -4.33
C LEU D 49 7.94 -18.29 -3.00
N GLY D 50 7.84 -19.49 -2.44
CA GLY D 50 8.54 -19.81 -1.21
C GLY D 50 8.53 -21.31 -1.00
N SER D 51 9.48 -21.77 -0.19
CA SER D 51 9.59 -23.19 0.07
C SER D 51 10.49 -23.41 1.28
N SER D 52 10.16 -24.44 2.07
CA SER D 52 11.00 -24.82 3.24
C SER D 52 10.80 -26.33 3.40
N LEU D 53 11.44 -27.12 2.55
CA LEU D 53 11.24 -28.59 2.56
C LEU D 53 12.41 -29.29 3.25
N ASN D 54 12.28 -30.59 3.52
CA ASN D 54 13.40 -31.38 4.09
C ASN D 54 13.28 -32.80 3.58
N GLU D 55 12.22 -33.50 4.01
CA GLU D 55 11.99 -34.90 3.56
C GLU D 55 11.78 -34.91 2.04
N LEU D 56 11.05 -33.94 1.51
CA LEU D 56 10.73 -33.92 0.06
C LEU D 56 12.02 -33.67 -0.73
N LEU D 57 12.91 -32.83 -0.22
CA LEU D 57 14.21 -32.58 -0.90
C LEU D 57 14.81 -33.93 -1.29
N LYS D 58 14.42 -35.00 -0.60
CA LYS D 58 14.94 -36.37 -0.92
C LYS D 58 14.36 -37.01 -2.21
N SER D 59 13.46 -36.41 -3.00
CA SER D 59 12.82 -36.81 -4.24
C SER D 59 13.47 -36.11 -5.43
N GLN D 60 13.56 -36.83 -6.55
CA GLN D 60 14.19 -36.28 -7.75
C GLN D 60 13.30 -35.25 -8.42
N ARG D 61 11.99 -35.55 -8.51
CA ARG D 61 11.06 -34.61 -9.14
C ARG D 61 11.09 -33.27 -8.41
N ILE D 62 11.05 -33.30 -7.08
CA ILE D 62 10.99 -32.07 -6.30
C ILE D 62 12.19 -31.19 -6.59
N ILE D 63 13.37 -31.79 -6.72
CA ILE D 63 14.57 -31.02 -7.00
C ILE D 63 14.44 -30.31 -8.35
N GLN D 64 14.03 -31.04 -9.38
CA GLN D 64 13.83 -30.43 -10.68
C GLN D 64 12.68 -29.43 -10.68
N MET D 65 11.76 -29.54 -9.73
CA MET D 65 10.67 -28.58 -9.63
C MET D 65 11.13 -27.27 -9.00
N LEU D 66 11.99 -27.34 -7.99
CA LEU D 66 12.49 -26.11 -7.36
C LEU D 66 13.33 -25.30 -8.34
N GLU D 67 14.06 -25.96 -9.23
CA GLU D 67 14.84 -25.23 -10.23
C GLU D 67 13.94 -24.56 -11.26
N GLU D 68 12.87 -25.24 -11.66
CA GLU D 68 11.90 -24.66 -12.59
C GLU D 68 11.12 -23.50 -11.99
N ARG D 69 11.23 -23.26 -10.69
CA ARG D 69 10.41 -22.27 -10.00
C ARG D 69 8.92 -22.50 -10.29
N HIS D 70 8.56 -23.76 -10.54
CA HIS D 70 7.19 -24.12 -10.86
C HIS D 70 6.91 -25.52 -10.34
N ILE D 71 5.64 -25.91 -10.42
CA ILE D 71 5.20 -27.24 -10.00
C ILE D 71 4.47 -27.86 -11.19
N PRO D 72 4.14 -29.15 -11.15
CA PRO D 72 3.44 -29.77 -12.28
C PRO D 72 2.24 -28.96 -12.72
N SER D 73 2.25 -28.48 -13.97
CA SER D 73 1.17 -27.63 -14.45
C SER D 73 -0.19 -28.27 -14.22
N GLU D 74 -0.28 -29.59 -14.38
CA GLU D 74 -1.54 -30.27 -14.13
C GLU D 74 -1.93 -30.22 -12.66
N TYR D 75 -0.97 -30.47 -11.76
CA TYR D 75 -1.26 -30.41 -10.34
C TYR D 75 -1.56 -28.98 -9.88
N THR D 76 -1.04 -27.98 -10.59
CA THR D 76 -1.32 -26.60 -10.23
C THR D 76 -2.81 -26.30 -10.34
N GLU D 77 -3.45 -26.78 -11.40
CA GLU D 77 -4.87 -26.50 -11.59
C GLU D 77 -5.73 -27.27 -10.59
N ARG D 78 -5.24 -28.41 -10.11
CA ARG D 78 -6.02 -29.18 -9.15
C ARG D 78 -6.08 -28.47 -7.80
N LEU D 79 -5.05 -27.71 -7.44
CA LEU D 79 -5.11 -26.92 -6.21
C LEU D 79 -6.18 -25.85 -6.30
N MET D 80 -6.49 -25.37 -7.50
CA MET D 80 -7.53 -24.36 -7.66
C MET D 80 -8.91 -24.90 -7.27
N GLU D 81 -9.08 -26.23 -7.28
CA GLU D 81 -10.36 -26.82 -6.91
C GLU D 81 -10.62 -26.74 -5.42
N VAL D 82 -9.59 -26.55 -4.60
CA VAL D 82 -9.74 -26.46 -3.16
C VAL D 82 -10.18 -25.03 -2.83
N LYS D 83 -11.46 -24.85 -2.55
CA LYS D 83 -11.99 -23.54 -2.24
C LYS D 83 -11.99 -23.24 -0.74
N GLN D 84 -12.03 -24.29 0.09
CA GLN D 84 -11.90 -24.16 1.53
C GLN D 84 -10.72 -24.98 2.01
N THR D 85 -10.27 -24.67 3.22
CA THR D 85 -9.14 -25.38 3.82
C THR D 85 -9.46 -26.86 3.99
N GLU D 86 -8.76 -27.72 3.23
CA GLU D 86 -8.89 -29.16 3.34
C GLU D 86 -7.60 -29.71 3.97
N SER D 87 -7.74 -30.42 5.08
CA SER D 87 -6.61 -30.91 5.85
C SER D 87 -6.67 -32.44 5.94
N ASN D 88 -5.57 -33.02 6.41
CA ASN D 88 -5.46 -34.47 6.61
C ASN D 88 -5.83 -35.22 5.33
N ILE D 89 -4.94 -35.11 4.35
CA ILE D 89 -5.09 -35.75 3.05
C ILE D 89 -3.99 -36.79 2.92
N ASP D 90 -4.39 -38.05 2.72
CA ASP D 90 -3.45 -39.15 2.71
C ASP D 90 -2.69 -39.21 1.38
N ILE D 91 -1.68 -40.08 1.33
CA ILE D 91 -0.90 -40.26 0.12
C ILE D 91 -1.73 -40.85 -1.01
N ASP D 92 -2.83 -41.54 -0.68
CA ASP D 92 -3.70 -42.14 -1.67
C ASP D 92 -4.67 -41.14 -2.32
N ASN D 93 -4.43 -39.85 -2.15
CA ASN D 93 -5.25 -38.80 -2.74
C ASN D 93 -4.46 -38.07 -3.82
N VAL D 94 -5.21 -37.45 -4.74
CA VAL D 94 -4.58 -36.73 -5.83
C VAL D 94 -3.94 -35.43 -5.34
N LEU D 95 -4.52 -34.81 -4.30
CA LEU D 95 -4.04 -33.54 -3.79
C LEU D 95 -2.83 -33.68 -2.88
N THR D 96 -2.34 -34.89 -2.64
CA THR D 96 -1.17 -35.05 -1.80
C THR D 96 0.02 -34.32 -2.40
N VAL D 97 0.77 -33.61 -1.55
CA VAL D 97 1.95 -32.90 -2.01
C VAL D 97 3.16 -33.82 -2.15
N PHE D 98 3.07 -35.06 -1.65
CA PHE D 98 4.20 -35.97 -1.73
C PHE D 98 4.16 -36.76 -3.04
N PRO D 99 5.31 -37.17 -3.57
CA PRO D 99 5.32 -37.96 -4.81
C PRO D 99 4.56 -39.26 -4.63
N PRO D 100 3.49 -39.48 -5.40
CA PRO D 100 2.81 -40.78 -5.31
C PRO D 100 3.70 -41.96 -5.66
N GLU D 101 4.80 -41.74 -6.38
CA GLU D 101 5.70 -42.83 -6.71
C GLU D 101 6.31 -43.43 -5.44
N ASN D 102 7.02 -42.61 -4.67
CA ASN D 102 7.65 -43.07 -3.43
C ASN D 102 6.60 -43.16 -2.32
N ARG D 103 5.59 -43.99 -2.58
CA ARG D 103 4.49 -44.15 -1.63
C ARG D 103 4.94 -44.87 -0.36
N GLU D 104 5.88 -45.81 -0.49
CA GLU D 104 6.30 -46.59 0.67
C GLU D 104 6.88 -45.70 1.77
N LEU D 105 7.69 -44.71 1.40
CA LEU D 105 8.24 -43.78 2.38
C LEU D 105 7.19 -42.81 2.90
N PHE D 106 6.12 -42.58 2.15
CA PHE D 106 5.09 -41.63 2.54
C PHE D 106 3.74 -42.34 2.63
N ILE D 107 3.67 -43.39 3.44
CA ILE D 107 2.43 -44.16 3.56
C ILE D 107 1.48 -43.50 4.54
N ASP D 108 1.99 -43.07 5.70
CA ASP D 108 1.20 -42.36 6.70
C ASP D 108 1.19 -40.85 6.47
N SER D 109 1.66 -40.40 5.30
CA SER D 109 1.77 -38.97 5.05
C SER D 109 0.40 -38.32 5.05
N ARG D 110 0.34 -37.09 5.57
CA ARG D 110 -0.88 -36.30 5.62
C ARG D 110 -0.59 -34.92 5.04
N THR D 111 -1.48 -34.44 4.19
CA THR D 111 -1.30 -33.17 3.49
C THR D 111 -2.46 -32.23 3.78
N THR D 112 -2.14 -30.95 3.99
CA THR D 112 -3.14 -29.91 4.20
C THR D 112 -2.90 -28.80 3.19
N ILE D 113 -3.99 -28.22 2.68
CA ILE D 113 -3.94 -27.21 1.63
C ILE D 113 -4.72 -26.00 2.10
N PHE D 114 -4.04 -24.86 2.27
CA PHE D 114 -4.66 -23.60 2.63
C PHE D 114 -4.77 -22.70 1.41
N PRO D 115 -5.94 -22.16 1.08
CA PRO D 115 -6.00 -21.21 -0.04
C PRO D 115 -5.68 -19.79 0.39
N ILE D 116 -4.93 -19.10 -0.46
CA ILE D 116 -4.52 -17.73 -0.20
C ILE D 116 -5.51 -16.80 -0.90
N LEU D 117 -6.20 -15.98 -0.10
CA LEU D 117 -7.25 -15.10 -0.60
C LEU D 117 -6.93 -13.66 -0.22
N GLY D 118 -7.28 -12.73 -1.11
CA GLY D 118 -7.04 -11.33 -0.86
C GLY D 118 -7.86 -10.44 -1.78
N GLY D 119 -8.49 -9.41 -1.20
CA GLY D 119 -9.29 -8.49 -1.97
C GLY D 119 -10.57 -9.05 -2.54
N GLY D 120 -10.83 -10.34 -2.34
CA GLY D 120 -12.03 -10.97 -2.84
C GLY D 120 -11.84 -11.99 -3.95
N GLU D 121 -10.63 -12.50 -4.15
CA GLU D 121 -10.37 -13.49 -5.19
C GLU D 121 -9.30 -14.44 -4.69
N ARG D 122 -9.00 -15.44 -5.52
CA ARG D 122 -7.92 -16.38 -5.24
C ARG D 122 -6.59 -15.78 -5.69
N LEU D 123 -5.58 -15.89 -4.84
CA LEU D 123 -4.26 -15.36 -5.12
C LEU D 123 -3.17 -16.42 -5.12
N GLY D 124 -3.31 -17.48 -4.34
CA GLY D 124 -2.29 -18.51 -4.30
C GLY D 124 -2.74 -19.69 -3.47
N THR D 125 -1.78 -20.55 -3.16
CA THR D 125 -2.04 -21.73 -2.36
C THR D 125 -0.86 -21.98 -1.43
N LEU D 126 -1.18 -22.45 -0.22
CA LEU D 126 -0.18 -22.77 0.80
C LEU D 126 -0.37 -24.24 1.19
N VAL D 127 0.50 -25.11 0.70
CA VAL D 127 0.39 -26.54 0.88
C VAL D 127 1.40 -26.99 1.92
N LEU D 128 0.94 -27.75 2.92
CA LEU D 128 1.77 -28.28 3.98
C LEU D 128 1.62 -29.80 4.02
N GLY D 129 2.74 -30.50 4.15
CA GLY D 129 2.74 -31.95 4.17
C GLY D 129 3.55 -32.50 5.33
N ARG D 130 3.11 -33.66 5.81
CA ARG D 130 3.78 -34.37 6.90
C ARG D 130 3.98 -35.82 6.50
N VAL D 131 4.94 -36.47 7.17
CA VAL D 131 5.29 -37.83 6.81
C VAL D 131 4.38 -38.83 7.51
N HIS D 132 3.92 -38.51 8.73
CA HIS D 132 3.12 -39.46 9.49
C HIS D 132 1.99 -38.76 10.24
N ASP D 133 2.33 -37.82 11.11
CA ASP D 133 1.35 -37.22 12.01
C ASP D 133 0.23 -36.55 11.22
N ASP D 134 -0.85 -36.22 11.94
CA ASP D 134 -2.02 -35.57 11.38
C ASP D 134 -2.10 -34.12 11.88
N PHE D 135 -3.00 -33.37 11.25
CA PHE D 135 -3.18 -31.95 11.55
C PHE D 135 -4.35 -31.76 12.51
N ASN D 136 -4.17 -30.89 13.49
CA ASN D 136 -5.20 -30.52 14.45
C ASN D 136 -5.70 -29.12 14.14
N GLU D 137 -6.58 -28.60 15.01
CA GLU D 137 -7.11 -27.26 14.80
C GLU D 137 -6.05 -26.20 15.07
N ASN D 138 -5.21 -26.40 16.09
CA ASN D 138 -4.15 -25.43 16.37
C ASN D 138 -3.22 -25.26 15.20
N ASP D 139 -3.10 -26.28 14.33
CA ASP D 139 -2.28 -26.15 13.14
C ASP D 139 -3.01 -25.38 12.04
N LEU D 140 -4.33 -25.57 11.94
CA LEU D 140 -5.10 -24.83 10.95
C LEU D 140 -5.18 -23.34 11.29
N VAL D 141 -5.15 -23.00 12.57
CA VAL D 141 -5.12 -21.59 12.97
C VAL D 141 -3.84 -20.94 12.45
N LEU D 142 -2.69 -21.59 12.67
CA LEU D 142 -1.43 -21.02 12.21
C LEU D 142 -1.37 -20.93 10.69
N GLY D 143 -1.89 -21.95 10.00
CA GLY D 143 -1.84 -21.95 8.55
C GLY D 143 -2.73 -20.89 7.92
N GLU D 144 -3.86 -20.59 8.55
CA GLU D 144 -4.76 -19.58 8.01
C GLU D 144 -4.28 -18.16 8.30
N TYR D 145 -3.54 -17.97 9.39
CA TYR D 145 -2.82 -16.71 9.57
C TYR D 145 -1.87 -16.46 8.41
N ALA D 146 -1.14 -17.50 7.99
CA ALA D 146 -0.19 -17.36 6.90
C ALA D 146 -0.89 -17.02 5.59
N ALA D 147 -1.89 -17.83 5.21
CA ALA D 147 -2.60 -17.58 3.97
C ALA D 147 -3.19 -16.18 3.94
N THR D 148 -3.82 -15.76 5.03
CA THR D 148 -4.42 -14.43 5.08
C THR D 148 -3.36 -13.35 5.01
N VAL D 149 -2.19 -13.58 5.60
CA VAL D 149 -1.13 -12.58 5.60
C VAL D 149 -0.40 -12.58 4.26
N ILE D 150 -0.11 -13.76 3.71
CA ILE D 150 0.54 -13.82 2.40
C ILE D 150 -0.33 -13.13 1.36
N GLY D 151 -1.65 -13.36 1.40
CA GLY D 151 -2.54 -12.69 0.46
C GLY D 151 -2.53 -11.18 0.61
N MET D 152 -2.25 -10.69 1.82
CA MET D 152 -2.17 -9.24 2.01
C MET D 152 -0.89 -8.68 1.42
N GLU D 153 0.23 -9.40 1.56
CA GLU D 153 1.47 -8.95 0.96
C GLU D 153 1.46 -9.11 -0.56
N ILE D 154 0.60 -9.98 -1.09
CA ILE D 154 0.45 -10.08 -2.53
C ILE D 154 -0.52 -9.02 -3.04
N LEU D 155 -1.62 -8.81 -2.32
CA LEU D 155 -2.57 -7.77 -2.71
C LEU D 155 -1.90 -6.41 -2.77
N ARG D 156 -0.97 -6.15 -1.84
CA ARG D 156 -0.23 -4.90 -1.88
C ARG D 156 0.69 -4.85 -3.11
N GLU D 157 1.38 -5.95 -3.40
CA GLU D 157 2.29 -5.97 -4.54
C GLU D 157 1.53 -5.72 -5.84
N LYS D 158 0.48 -6.50 -6.10
CA LYS D 158 -0.31 -6.30 -7.31
C LYS D 158 -0.88 -4.90 -7.37
N HIS D 159 -1.31 -4.36 -6.23
CA HIS D 159 -1.92 -3.04 -6.21
C HIS D 159 -0.87 -1.95 -6.48
N SER D 160 0.33 -2.09 -5.92
CA SER D 160 1.35 -1.07 -6.09
C SER D 160 1.81 -0.99 -7.55
N GLU D 161 1.88 -2.13 -8.24
CA GLU D 161 2.29 -2.11 -9.64
C GLU D 161 1.21 -1.55 -10.54
N VAL D 162 -0.06 -1.71 -10.15
CA VAL D 162 -1.15 -1.09 -10.90
C VAL D 162 -1.11 0.42 -10.73
N GLU D 163 -0.86 0.89 -9.51
CA GLU D 163 -0.74 2.33 -9.28
C GLU D 163 0.39 2.93 -10.11
N LYS D 164 1.46 2.16 -10.35
CA LYS D 164 2.58 2.69 -11.10
C LYS D 164 2.21 2.92 -12.57
N GLU D 165 1.61 1.91 -13.21
CA GLU D 165 1.19 2.08 -14.59
C GLU D 165 0.10 3.15 -14.71
N ALA D 166 -0.78 3.23 -13.71
CA ALA D 166 -1.85 4.23 -13.76
C ALA D 166 -1.30 5.65 -13.72
N ARG D 167 -0.17 5.85 -13.05
CA ARG D 167 0.45 7.18 -13.01
C ARG D 167 1.13 7.52 -14.33
N ASP D 168 1.78 6.53 -14.97
CA ASP D 168 2.44 6.79 -16.23
C ASP D 168 1.45 7.18 -17.32
N LYS D 169 0.29 6.51 -17.34
CA LYS D 169 -0.75 6.89 -18.31
C LYS D 169 -1.21 8.32 -18.08
N ALA D 170 -1.34 8.72 -16.81
CA ALA D 170 -1.74 10.09 -16.50
C ALA D 170 -0.66 11.08 -16.92
N ALA D 171 0.60 10.78 -16.58
CA ALA D 171 1.70 11.66 -16.96
C ALA D 171 1.72 11.88 -18.46
N ILE D 172 1.58 10.80 -19.24
CA ILE D 172 1.55 10.94 -20.70
C ILE D 172 0.33 11.74 -21.12
N THR D 173 -0.85 11.38 -20.60
CA THR D 173 -2.07 12.10 -20.96
C THR D 173 -1.99 13.55 -20.50
N MET D 174 -1.57 13.77 -19.25
CA MET D 174 -1.45 15.14 -18.76
C MET D 174 -0.58 15.98 -19.68
N ALA D 175 0.37 15.34 -20.37
CA ALA D 175 1.27 16.08 -21.25
C ALA D 175 0.68 16.26 -22.64
N ILE D 176 0.10 15.18 -23.19
CA ILE D 176 -0.43 15.25 -24.55
C ILE D 176 -1.53 16.29 -24.66
N ASN D 177 -2.28 16.52 -23.58
CA ASN D 177 -3.36 17.50 -23.63
C ASN D 177 -2.84 18.92 -23.51
N SER D 178 -1.75 19.12 -22.76
CA SER D 178 -1.17 20.45 -22.62
C SER D 178 -0.51 20.92 -23.90
N LEU D 179 -0.35 20.06 -24.89
CA LEU D 179 0.28 20.45 -26.14
C LEU D 179 -0.73 21.13 -27.06
N SER D 180 -0.24 22.11 -27.81
CA SER D 180 -1.06 22.76 -28.83
C SER D 180 -1.05 21.94 -30.12
N TYR D 181 -1.85 22.39 -31.09
CA TYR D 181 -1.89 21.70 -32.37
C TYR D 181 -0.52 21.70 -33.04
N SER D 182 0.09 22.88 -33.14
CA SER D 182 1.42 22.98 -33.75
C SER D 182 2.47 22.29 -32.89
N GLU D 183 2.25 22.24 -31.57
CA GLU D 183 3.22 21.59 -30.69
C GLU D 183 3.14 20.07 -30.75
N LYS D 184 1.95 19.52 -31.00
CA LYS D 184 1.87 18.07 -31.22
C LYS D 184 2.59 17.67 -32.49
N GLU D 185 2.41 18.43 -33.57
CA GLU D 185 3.09 18.11 -34.82
C GLU D 185 4.60 18.26 -34.65
N ALA D 186 5.03 19.25 -33.87
CA ALA D 186 6.46 19.41 -33.61
C ALA D 186 7.05 18.19 -32.91
N ILE D 187 6.35 17.68 -31.90
CA ILE D 187 6.84 16.51 -31.17
C ILE D 187 6.85 15.28 -32.06
N GLU D 188 5.90 15.19 -33.00
CA GLU D 188 5.87 14.05 -33.90
C GLU D 188 7.11 14.02 -34.79
N HIS D 189 7.53 15.18 -35.29
CA HIS D 189 8.66 15.23 -36.21
C HIS D 189 10.00 15.10 -35.49
N ILE D 190 10.07 15.51 -34.22
CA ILE D 190 11.32 15.37 -33.47
C ILE D 190 11.60 13.91 -33.16
N PHE D 191 10.66 13.24 -32.50
CA PHE D 191 10.84 11.82 -32.19
C PHE D 191 11.13 11.00 -33.44
N GLU D 192 10.74 11.51 -34.62
CA GLU D 192 11.09 10.83 -35.86
C GLU D 192 12.59 10.92 -36.13
N GLU D 193 13.14 12.14 -36.12
CA GLU D 193 14.57 12.32 -36.33
C GLU D 193 15.38 11.68 -35.20
N LEU D 194 14.81 11.61 -34.00
CA LEU D 194 15.56 11.10 -32.86
C LEU D 194 15.79 9.59 -32.98
N GLY D 195 14.79 8.86 -33.45
CA GLY D 195 14.94 7.43 -33.73
C GLY D 195 14.92 6.49 -32.54
N GLY D 196 15.67 6.81 -31.49
CA GLY D 196 15.78 5.93 -30.34
C GLY D 196 15.43 6.60 -29.02
N THR D 197 15.81 5.96 -27.92
CA THR D 197 15.53 6.52 -26.60
C THR D 197 16.14 7.90 -26.44
N GLU D 198 17.47 7.99 -26.55
CA GLU D 198 18.19 9.25 -26.41
C GLU D 198 19.04 9.49 -27.63
N GLY D 199 19.30 10.76 -27.90
CA GLY D 199 20.12 11.12 -29.04
C GLY D 199 20.39 12.61 -29.07
N LEU D 200 21.03 13.04 -30.15
CA LEU D 200 21.37 14.45 -30.35
C LEU D 200 20.91 14.86 -31.74
N LEU D 201 20.19 15.99 -31.81
CA LEU D 201 19.77 16.54 -33.07
C LEU D 201 19.71 18.05 -32.96
N ILE D 202 19.71 18.71 -34.12
CA ILE D 202 19.59 20.17 -34.20
C ILE D 202 18.12 20.48 -34.43
N ALA D 203 17.46 21.01 -33.40
CA ALA D 203 16.04 21.29 -33.50
C ALA D 203 15.74 22.31 -34.59
N SER D 204 16.58 23.34 -34.70
CA SER D 204 16.35 24.40 -35.69
C SER D 204 16.18 23.83 -37.09
N LYS D 205 17.15 23.05 -37.55
CA LYS D 205 17.08 22.49 -38.90
C LYS D 205 15.82 21.65 -39.07
N VAL D 206 15.54 20.79 -38.11
CA VAL D 206 14.30 20.02 -38.16
C VAL D 206 13.10 20.94 -38.25
N ALA D 207 13.18 22.12 -37.63
CA ALA D 207 12.09 23.08 -37.72
C ALA D 207 12.00 23.68 -39.12
N ASP D 208 13.14 23.96 -39.73
CA ASP D 208 13.14 24.60 -41.05
C ASP D 208 12.69 23.62 -42.13
N ARG D 209 13.18 22.38 -42.09
CA ARG D 209 12.80 21.40 -43.09
C ARG D 209 11.29 21.16 -43.10
N VAL D 210 10.66 21.20 -41.92
CA VAL D 210 9.25 20.83 -41.81
C VAL D 210 8.31 22.03 -41.89
N GLY D 211 8.80 23.24 -41.63
CA GLY D 211 7.98 24.42 -41.75
C GLY D 211 7.23 24.76 -40.47
N ILE D 212 7.86 24.53 -39.32
CA ILE D 212 7.29 24.85 -38.03
C ILE D 212 8.23 25.81 -37.33
N THR D 213 7.65 26.79 -36.63
CA THR D 213 8.44 27.79 -35.94
C THR D 213 9.37 27.14 -34.92
N ARG D 214 10.54 27.76 -34.74
CA ARG D 214 11.54 27.18 -33.84
C ARG D 214 11.12 27.28 -32.39
N SER D 215 10.47 28.39 -32.01
CA SER D 215 10.02 28.54 -30.64
C SER D 215 8.86 27.59 -30.32
N VAL D 216 8.07 27.23 -31.33
CA VAL D 216 7.02 26.24 -31.12
C VAL D 216 7.61 24.91 -30.70
N ILE D 217 8.80 24.59 -31.21
CA ILE D 217 9.45 23.33 -30.86
C ILE D 217 10.04 23.40 -29.46
N VAL D 218 10.69 24.51 -29.13
CA VAL D 218 11.21 24.68 -27.78
C VAL D 218 10.07 24.61 -26.76
N ASN D 219 8.91 25.14 -27.14
CA ASN D 219 7.78 25.18 -26.21
C ASN D 219 7.26 23.78 -25.92
N ALA D 220 7.10 22.97 -26.97
CA ALA D 220 6.60 21.61 -26.79
C ALA D 220 7.53 20.79 -25.90
N LEU D 221 8.84 20.88 -26.15
CA LEU D 221 9.80 20.10 -25.36
C LEU D 221 9.73 20.47 -23.89
N ARG D 222 9.69 21.77 -23.59
CA ARG D 222 9.68 22.20 -22.20
C ARG D 222 8.43 21.71 -21.47
N LYS D 223 7.31 21.58 -22.18
CA LYS D 223 6.13 20.99 -21.56
C LYS D 223 6.33 19.51 -21.26
N LEU D 224 6.87 18.76 -22.22
CA LEU D 224 7.20 17.36 -21.97
C LEU D 224 8.24 17.23 -20.87
N GLU D 225 9.21 18.15 -20.82
CA GLU D 225 10.15 18.16 -19.71
C GLU D 225 9.42 18.35 -18.38
N SER D 226 8.45 19.26 -18.36
CA SER D 226 7.71 19.51 -17.12
C SER D 226 6.93 18.28 -16.68
N ALA D 227 6.38 17.55 -17.64
CA ALA D 227 5.57 16.36 -17.34
C ALA D 227 6.41 15.13 -17.06
N GLY D 228 7.74 15.25 -17.05
CA GLY D 228 8.59 14.10 -16.84
C GLY D 228 8.65 13.13 -17.99
N VAL D 229 8.13 13.50 -19.15
CA VAL D 229 8.15 12.60 -20.30
C VAL D 229 9.54 12.52 -20.92
N ILE D 230 10.30 13.62 -20.89
CA ILE D 230 11.65 13.65 -21.44
C ILE D 230 12.57 14.44 -20.51
N GLU D 231 13.87 14.26 -20.75
CA GLU D 231 14.91 15.12 -20.18
C GLU D 231 15.69 15.74 -21.33
N SER D 232 15.96 17.04 -21.22
CA SER D 232 16.62 17.76 -22.31
C SER D 232 17.70 18.67 -21.74
N ARG D 233 18.74 18.88 -22.54
CA ARG D 233 19.83 19.79 -22.21
C ARG D 233 20.29 20.46 -23.49
N SER D 234 20.72 21.72 -23.36
CA SER D 234 21.17 22.50 -24.50
C SER D 234 22.67 22.31 -24.71
N LEU D 235 23.07 22.22 -25.98
CA LEU D 235 24.47 22.10 -26.36
C LEU D 235 24.87 23.18 -27.37
N GLY D 236 24.15 24.29 -27.42
CA GLY D 236 24.52 25.38 -28.30
C GLY D 236 24.65 24.93 -29.74
N MET D 237 25.85 25.15 -30.30
CA MET D 237 26.06 24.85 -31.71
C MET D 237 25.89 23.36 -32.02
N LYS D 238 26.16 22.49 -31.05
CA LYS D 238 26.04 21.06 -31.28
C LYS D 238 24.59 20.63 -31.48
N GLY D 239 23.65 21.29 -30.81
CA GLY D 239 22.23 21.03 -30.95
C GLY D 239 21.58 20.82 -29.60
N THR D 240 20.48 20.08 -29.62
CA THR D 240 19.69 19.80 -28.43
C THR D 240 19.76 18.31 -28.11
N PHE D 241 20.06 17.99 -26.86
CA PHE D 241 20.15 16.60 -26.41
C PHE D 241 18.85 16.20 -25.72
N ILE D 242 18.26 15.09 -26.18
CA ILE D 242 16.98 14.62 -25.69
C ILE D 242 17.13 13.20 -25.19
N LYS D 243 16.50 12.90 -24.05
CA LYS D 243 16.44 11.55 -23.50
C LYS D 243 15.02 11.27 -23.06
N VAL D 244 14.33 10.39 -23.79
CA VAL D 244 12.97 10.02 -23.44
C VAL D 244 12.98 9.15 -22.20
N LYS D 245 12.11 9.47 -21.24
CA LYS D 245 12.00 8.71 -20.01
C LYS D 245 10.70 7.93 -19.89
N LYS D 246 9.81 8.10 -20.87
CA LYS D 246 8.51 7.37 -20.91
C LYS D 246 8.29 6.92 -22.35
N GLU D 247 8.53 5.66 -22.66
CA GLU D 247 8.47 5.17 -24.07
C GLU D 247 7.07 5.23 -24.68
N LYS D 248 6.03 4.92 -23.90
CA LYS D 248 4.67 4.83 -24.48
C LYS D 248 4.15 6.20 -24.93
N PHE D 249 4.92 7.27 -24.72
CA PHE D 249 4.39 8.62 -25.03
C PHE D 249 3.96 8.73 -26.50
N LEU D 250 4.89 8.49 -27.43
CA LEU D 250 4.57 8.69 -28.87
C LEU D 250 3.39 7.81 -29.26
N ASP D 251 3.41 6.54 -28.84
CA ASP D 251 2.33 5.59 -29.26
C ASP D 251 0.97 6.20 -28.93
N GLU D 252 0.88 6.93 -27.82
CA GLU D 252 -0.42 7.52 -27.40
C GLU D 252 -0.63 8.87 -28.09
N LEU D 253 0.38 9.35 -28.83
CA LEU D 253 0.26 10.66 -29.47
C LEU D 253 -0.53 10.57 -30.76
N GLU D 254 -0.09 9.70 -31.70
CA GLU D 254 -0.86 9.52 -32.92
C GLU D 254 -2.25 8.98 -32.60
N LYS D 255 -2.36 8.12 -31.57
CA LYS D 255 -3.66 7.65 -31.14
C LYS D 255 -4.60 8.81 -30.81
N SER D 256 -4.05 9.96 -30.45
CA SER D 256 -4.84 11.15 -30.18
C SER D 256 -5.22 11.85 -31.48
PG GTP E . 1.09 8.75 14.72
O1G GTP E . 1.47 7.79 13.64
O2G GTP E . 1.33 8.22 16.10
O3G GTP E . 1.69 10.13 14.53
O3B GTP E . -0.50 8.96 14.59
PB GTP E . -1.36 10.19 14.02
O1B GTP E . -1.81 11.01 15.18
O2B GTP E . -0.59 10.83 12.91
O3A GTP E . -2.62 9.42 13.41
PA GTP E . -3.14 9.23 11.91
O1A GTP E . -4.57 9.66 11.83
O2A GTP E . -2.16 9.87 10.98
O5' GTP E . -3.06 7.64 11.75
C5' GTP E . -1.75 7.02 11.77
C4' GTP E . -1.64 6.02 10.64
O4' GTP E . -2.82 5.18 10.64
C3' GTP E . -1.55 6.62 9.23
O3' GTP E . -0.54 5.97 8.45
C2' GTP E . -2.94 6.36 8.63
O2' GTP E . -2.90 6.20 7.24
C1' GTP E . -3.34 5.07 9.34
N9 GTP E . -4.78 4.87 9.43
C8 GTP E . -5.64 5.56 10.25
N7 GTP E . -6.89 5.17 10.12
C5 GTP E . -6.84 4.15 9.18
C6 GTP E . -7.87 3.35 8.65
O6 GTP E . -9.08 3.38 8.92
N1 GTP E . -7.39 2.44 7.71
C2 GTP E . -6.08 2.32 7.34
N2 GTP E . -5.80 1.38 6.42
N3 GTP E . -5.09 3.07 7.84
C4 GTP E . -5.54 3.96 8.75
N ILE F . -7.98 4.89 33.00
CA ILE F . -8.32 5.86 31.96
C ILE F . -9.03 7.05 32.58
O ILE F . -9.25 8.07 31.93
CB ILE F . -9.17 5.22 30.86
CG1 ILE F . -9.19 6.12 29.62
CG2 ILE F . -10.59 5.00 31.35
CD1 ILE F . -9.78 5.45 28.39
OXT ILE F . -9.40 7.02 33.76
S SO4 G . -10.85 25.17 -21.20
O1 SO4 G . -10.77 24.36 -22.41
O2 SO4 G . -9.85 26.23 -21.25
O3 SO4 G . -10.61 24.33 -20.04
O4 SO4 G . -12.18 25.76 -21.10
S SO4 H . -0.23 10.88 -7.11
O1 SO4 H . 0.42 10.60 -8.38
O2 SO4 H . 0.55 11.88 -6.37
O3 SO4 H . -0.32 9.65 -6.32
O4 SO4 H . -1.57 11.40 -7.35
PG GTP I . 0.45 -15.14 -11.06
O1G GTP I . 0.24 -14.67 -12.48
O2G GTP I . -0.79 -15.85 -10.58
O3G GTP I . 0.73 -13.95 -10.18
O3B GTP I . 1.70 -16.15 -11.03
PB GTP I . 3.14 -15.74 -11.63
O1B GTP I . 3.81 -16.96 -12.21
O2B GTP I . 2.99 -14.67 -12.68
O3A GTP I . 4.00 -15.20 -10.37
PA GTP I . 3.96 -13.65 -9.91
O1A GTP I . 3.01 -12.88 -10.79
O2A GTP I . 5.35 -13.06 -9.96
O5' GTP I . 3.41 -13.69 -8.40
C5' GTP I . 2.33 -12.89 -7.98
C4' GTP I . 2.77 -11.73 -7.08
O4' GTP I . 3.37 -12.22 -5.89
C3' GTP I . 3.79 -10.81 -7.73
O3' GTP I . 3.18 -9.64 -8.20
C2' GTP I . 4.79 -10.50 -6.63
O2' GTP I . 4.87 -9.11 -6.39
C1' GTP I . 4.29 -11.26 -5.41
N9 GTP I . 5.43 -11.91 -4.71
C8 GTP I . 6.10 -13.03 -5.11
N7 GTP I . 7.06 -13.31 -4.19
C5 GTP I . 7.00 -12.37 -3.22
C6 GTP I . 7.75 -12.17 -2.07
O6 GTP I . 8.65 -12.95 -1.77
N1 GTP I . 7.45 -11.10 -1.24
C2 GTP I . 6.42 -10.24 -1.56
N2 GTP I . 6.14 -9.21 -0.77
N3 GTP I . 5.69 -10.44 -2.72
C4 GTP I . 5.97 -11.49 -3.53
N ILE J . 1.05 -35.32 -5.93
CA ILE J . 1.73 -34.19 -6.54
C ILE J . 2.25 -34.60 -7.92
O ILE J . 2.47 -33.75 -8.79
CB ILE J . 2.88 -33.67 -5.66
CG1 ILE J . 3.41 -32.34 -6.18
CG2 ILE J . 4.01 -34.70 -5.60
CD1 ILE J . 4.40 -31.67 -5.26
OXT ILE J . 2.45 -35.78 -8.19
S SO4 K . 6.98 6.20 -10.03
O1 SO4 K . 8.27 5.56 -10.29
O2 SO4 K . 7.14 7.65 -10.07
O3 SO4 K . 6.51 5.80 -8.70
O4 SO4 K . 6.01 5.79 -11.04
#